data_6UWH
#
_entry.id   6UWH
#
_cell.length_a   38.890
_cell.length_b   72.985
_cell.length_c   163.574
_cell.angle_alpha   90.000
_cell.angle_beta   90.000
_cell.angle_gamma   90.000
#
_symmetry.space_group_name_H-M   'P 21 21 21'
#
loop_
_entity.id
_entity.type
_entity.pdbx_description
1 polymer I-OnuI-e-Therm-hChr11v1
2 polymer 'DNA (26-MER)'
3 polymer 'DNA (26-MER)'
4 non-polymer 'CALCIUM ION'
5 non-polymer 1,2-ETHANEDIOL
6 water water
#
loop_
_entity_poly.entity_id
_entity_poly.type
_entity_poly.pdbx_seq_one_letter_code
_entity_poly.pdbx_strand_id
1 'polypeptide(L)'
;MASSINPWILTGFADAEGSFLLRIRKNNKSSVGYSTELGFQITLHNKDKSILENIQSTWGVGVIANSGDNAVSLKVTRFE
DLKVIIDHFEKYPLITQKYADYMLFKQAFNVMENKEHLTIEGIKELVRIKAKLNWGLTDELKKAFPEIISKERSLINKNI
PNFKWLAGFTSGDGCFFVNLIKSKSKLGVQVQLVFSISQHIRDKNLMNSLITYLGCGYIKKKNKSEFSWLEFVVTKFSDI
RDKIIPFFQEYTLIGTKLKDFEDWCKVAKLIEEKKHLTEEGLDEIKKIKLNMNKGR
;
A
2 'polydeoxyribonucleotide'
;(DG)(DG)(DG)(DT)(DT)(DT)(DC)(DC)(DA)(DC)(DT)(DT)(DA)(DT)(DT)(DC)(DG)(DA)(DC)(DC)
(DT)(DT)(DT)(DT)(DA)(DG)
;
B
3 'polydeoxyribonucleotide'
;(DC)(DC)(DT)(DA)(DA)(DA)(DA)(DG)(DG)(DT)(DC)(DG)(DA)(DA)(DT)(DA)(DA)(DG)(DT)(DG)
(DG)(DA)(DA)(DA)(DC)(DC)
;
C
#
loop_
_chem_comp.id
_chem_comp.type
_chem_comp.name
_chem_comp.formula
CA non-polymer 'CALCIUM ION' 'Ca 2'
DA DNA linking 2'-DEOXYADENOSINE-5'-MONOPHOSPHATE 'C10 H14 N5 O6 P'
DC DNA linking 2'-DEOXYCYTIDINE-5'-MONOPHOSPHATE 'C9 H14 N3 O7 P'
DG DNA linking 2'-DEOXYGUANOSINE-5'-MONOPHOSPHATE 'C10 H14 N5 O7 P'
DT DNA linking THYMIDINE-5'-MONOPHOSPHATE 'C10 H15 N2 O8 P'
EDO non-polymer 1,2-ETHANEDIOL 'C2 H6 O2'
#
# COMPACT_ATOMS: atom_id res chain seq x y z
N SER A 3 9.71 14.89 -10.33
CA SER A 3 8.67 14.99 -11.35
C SER A 3 7.27 15.27 -10.76
N SER A 4 7.17 15.19 -9.44
CA SER A 4 5.94 15.57 -8.73
C SER A 4 4.79 14.61 -9.03
N ILE A 5 4.39 13.85 -8.02
CA ILE A 5 3.33 12.84 -8.14
C ILE A 5 1.97 13.50 -7.97
N ASN A 6 1.02 13.12 -8.82
CA ASN A 6 -0.36 13.54 -8.61
C ASN A 6 -0.79 13.23 -7.18
N PRO A 7 -1.50 14.15 -6.50
CA PRO A 7 -1.78 13.94 -5.08
C PRO A 7 -2.73 12.78 -4.79
N TRP A 8 -3.60 12.41 -5.74
CA TRP A 8 -4.47 11.27 -5.49
C TRP A 8 -3.75 9.95 -5.76
N ILE A 9 -2.88 9.93 -6.78
CA ILE A 9 -1.97 8.81 -6.95
C ILE A 9 -1.22 8.57 -5.64
N LEU A 10 -0.72 9.65 -5.04
CA LEU A 10 0.04 9.53 -3.81
C LEU A 10 -0.81 8.99 -2.67
N THR A 11 -2.08 9.42 -2.57
CA THR A 11 -2.90 8.97 -1.45
C THR A 11 -3.30 7.50 -1.63
N GLY A 12 -3.60 7.09 -2.86
CA GLY A 12 -3.76 5.67 -3.12
C GLY A 12 -2.52 4.88 -2.78
N PHE A 13 -1.36 5.33 -3.27
CA PHE A 13 -0.11 4.65 -2.93
C PHE A 13 0.05 4.55 -1.41
N ALA A 14 -0.27 5.63 -0.70
CA ALA A 14 -0.15 5.61 0.76
C ALA A 14 -1.11 4.60 1.38
N ASP A 15 -2.36 4.54 0.89
CA ASP A 15 -3.29 3.52 1.38
C ASP A 15 -2.70 2.13 1.25
N ALA A 16 -1.80 1.94 0.30
CA ALA A 16 -1.26 0.62 -0.02
C ALA A 16 0.15 0.40 0.49
N GLU A 17 0.84 1.46 0.94
CA GLU A 17 2.27 1.36 1.20
C GLU A 17 2.72 2.23 2.36
N GLY A 18 1.82 3.06 2.89
CA GLY A 18 2.18 3.94 3.98
C GLY A 18 1.85 3.34 5.34
N SER A 19 2.60 3.80 6.35
CA SER A 19 2.34 3.45 7.74
C SER A 19 2.55 4.68 8.61
N PHE A 20 1.72 4.84 9.61
CA PHE A 20 1.98 5.86 10.62
C PHE A 20 2.76 5.24 11.77
N LEU A 21 3.44 6.09 12.54
CA LEU A 21 4.24 5.59 13.64
C LEU A 21 4.16 6.53 14.83
N LEU A 22 3.99 5.95 16.02
CA LEU A 22 4.02 6.71 17.27
C LEU A 22 4.87 5.92 18.25
N ARG A 23 6.10 6.39 18.47
CA ARG A 23 7.05 5.76 19.39
C ARG A 23 6.95 6.45 20.74
N ILE A 24 6.79 5.67 21.80
CA ILE A 24 6.78 6.17 23.16
C ILE A 24 7.84 5.38 23.90
N ARG A 25 9.02 5.97 24.05
CA ARG A 25 10.25 5.27 24.39
C ARG A 25 10.66 5.60 25.81
N LYS A 26 10.80 4.57 26.65
CA LYS A 26 11.40 4.76 27.97
C LYS A 26 12.77 5.38 27.80
N ASN A 27 13.03 6.46 28.53
CA ASN A 27 14.25 7.25 28.31
C ASN A 27 14.67 7.84 29.65
N ASN A 28 15.73 7.28 30.23
CA ASN A 28 16.22 7.78 31.52
C ASN A 28 16.70 9.23 31.41
N LYS A 29 17.00 9.72 30.21
CA LYS A 29 17.43 11.09 30.02
C LYS A 29 16.28 12.07 29.85
N SER A 30 15.02 11.61 29.84
CA SER A 30 13.88 12.48 29.65
C SER A 30 13.26 12.84 31.00
N SER A 31 12.68 14.04 31.06
CA SER A 31 12.15 14.53 32.33
C SER A 31 11.04 13.63 32.87
N VAL A 32 10.13 13.20 32.00
CA VAL A 32 9.04 12.31 32.41
C VAL A 32 9.40 10.85 32.18
N GLY A 33 10.66 10.56 31.83
CA GLY A 33 11.09 9.20 31.65
C GLY A 33 10.69 8.58 30.33
N TYR A 34 10.10 9.36 29.43
CA TYR A 34 9.70 8.89 28.13
C TYR A 34 9.95 10.00 27.11
N SER A 35 10.42 9.61 25.94
CA SER A 35 10.47 10.49 24.78
C SER A 35 9.59 9.88 23.70
N THR A 36 9.30 10.66 22.67
CA THR A 36 8.41 10.20 21.62
C THR A 36 9.00 10.53 20.26
N GLU A 37 8.37 9.94 19.25
CA GLU A 37 8.67 10.23 17.86
C GLU A 37 7.42 9.90 17.06
N LEU A 38 6.93 10.88 16.30
CA LEU A 38 5.71 10.76 15.51
C LEU A 38 6.06 10.92 14.04
N GLY A 39 5.41 10.15 13.17
CA GLY A 39 5.74 10.26 11.77
C GLY A 39 4.98 9.28 10.89
N PHE A 40 5.46 9.20 9.65
CA PHE A 40 4.83 8.47 8.56
C PHE A 40 5.93 7.95 7.66
N GLN A 41 5.75 6.75 7.13
CA GLN A 41 6.85 6.11 6.41
C GLN A 41 6.31 5.19 5.34
N ILE A 42 7.16 4.92 4.36
CA ILE A 42 6.90 4.01 3.26
C ILE A 42 8.16 3.17 3.05
N THR A 43 8.01 1.86 2.97
CA THR A 43 9.13 0.98 2.69
C THR A 43 8.85 0.21 1.41
N LEU A 44 9.80 0.27 0.48
CA LEU A 44 9.70 -0.36 -0.83
C LEU A 44 10.99 -1.11 -1.13
N HIS A 45 10.90 -2.02 -2.07
CA HIS A 45 12.11 -2.63 -2.61
C HIS A 45 13.02 -1.52 -3.15
N ASN A 46 14.33 -1.80 -3.12
CA ASN A 46 15.30 -0.80 -3.56
C ASN A 46 15.01 -0.30 -4.97
N LYS A 47 14.58 -1.20 -5.86
CA LYS A 47 14.31 -0.80 -7.24
C LYS A 47 13.28 0.31 -7.34
N ASP A 48 12.53 0.57 -6.27
CA ASP A 48 11.54 1.65 -6.23
C ASP A 48 12.03 2.87 -5.47
N LYS A 49 13.33 2.96 -5.19
CA LYS A 49 13.84 4.13 -4.50
C LYS A 49 13.39 5.43 -5.16
N SER A 50 13.22 5.40 -6.49
CA SER A 50 12.84 6.61 -7.22
C SER A 50 11.49 7.15 -6.76
N ILE A 51 10.50 6.28 -6.55
CA ILE A 51 9.20 6.76 -6.06
C ILE A 51 9.39 7.57 -4.80
N LEU A 52 10.17 7.04 -3.85
CA LEU A 52 10.42 7.75 -2.60
C LEU A 52 11.14 9.06 -2.86
N GLU A 53 12.20 9.02 -3.67
CA GLU A 53 12.85 10.27 -4.07
C GLU A 53 11.84 11.26 -4.62
N ASN A 54 10.97 10.80 -5.52
CA ASN A 54 9.98 11.70 -6.11
C ASN A 54 8.99 12.20 -5.06
N ILE A 55 8.53 11.31 -4.17
CA ILE A 55 7.60 11.73 -3.12
C ILE A 55 8.26 12.74 -2.22
N GLN A 56 9.47 12.44 -1.74
CA GLN A 56 10.23 13.39 -0.95
C GLN A 56 10.26 14.75 -1.62
N SER A 57 10.56 14.77 -2.92
CA SER A 57 10.66 16.04 -3.65
C SER A 57 9.30 16.72 -3.76
N THR A 58 8.26 15.95 -4.11
CA THR A 58 6.90 16.49 -4.15
C THR A 58 6.55 17.19 -2.84
N TRP A 59 6.65 16.48 -1.72
CA TRP A 59 6.26 17.04 -0.44
C TRP A 59 7.31 18.00 0.11
N GLY A 60 8.59 17.80 -0.23
CA GLY A 60 9.65 18.52 0.42
C GLY A 60 10.00 18.06 1.83
N VAL A 61 9.69 16.81 2.19
CA VAL A 61 9.99 16.30 3.52
C VAL A 61 10.43 14.85 3.46
N GLY A 62 11.07 14.42 4.55
CA GLY A 62 11.38 13.03 4.75
C GLY A 62 12.81 12.67 4.44
N VAL A 63 13.29 11.59 5.04
CA VAL A 63 14.64 11.12 4.85
C VAL A 63 14.57 9.70 4.31
N ILE A 64 15.43 9.42 3.32
CA ILE A 64 15.51 8.12 2.67
C ILE A 64 16.69 7.35 3.23
N ALA A 65 16.48 6.08 3.52
CA ALA A 65 17.52 5.25 4.08
C ALA A 65 17.26 3.81 3.69
N ASN A 66 18.33 3.03 3.62
CA ASN A 66 18.18 1.60 3.44
C ASN A 66 17.34 1.03 4.58
N SER A 67 16.63 -0.05 4.29
CA SER A 67 15.85 -0.79 5.27
C SER A 67 16.19 -2.25 5.06
N GLY A 68 17.32 -2.67 5.62
CA GLY A 68 17.76 -4.04 5.47
C GLY A 68 18.49 -4.27 4.16
N ASP A 69 18.47 -5.53 3.72
CA ASP A 69 19.28 -5.94 2.58
C ASP A 69 18.72 -5.40 1.26
N ASN A 70 17.40 -5.50 1.06
CA ASN A 70 16.80 -5.24 -0.24
C ASN A 70 15.74 -4.15 -0.23
N ALA A 71 15.62 -3.37 0.84
CA ALA A 71 14.52 -2.43 0.95
C ALA A 71 15.01 -1.06 1.38
N VAL A 72 14.25 -0.05 0.99
CA VAL A 72 14.55 1.35 1.25
C VAL A 72 13.28 2.01 1.78
N SER A 73 13.45 3.05 2.59
CA SER A 73 12.34 3.67 3.28
C SER A 73 12.39 5.18 3.14
N LEU A 74 11.20 5.78 3.17
CA LEU A 74 11.03 7.22 3.31
C LEU A 74 10.34 7.45 4.65
N LYS A 75 11.06 8.02 5.60
CA LYS A 75 10.52 8.29 6.93
C LYS A 75 10.36 9.79 7.11
N VAL A 76 9.20 10.20 7.60
CA VAL A 76 8.92 11.61 7.90
C VAL A 76 8.57 11.66 9.38
N THR A 77 9.50 12.17 10.19
CA THR A 77 9.28 12.31 11.63
C THR A 77 9.63 13.69 12.17
N ARG A 78 10.40 14.49 11.45
CA ARG A 78 10.63 15.87 11.87
C ARG A 78 9.31 16.58 12.10
N PHE A 79 9.13 17.12 13.31
CA PHE A 79 7.79 17.51 13.72
C PHE A 79 7.15 18.50 12.75
N GLU A 80 7.85 19.61 12.49
CA GLU A 80 7.32 20.63 11.58
C GLU A 80 6.86 20.01 10.26
N ASP A 81 7.62 19.04 9.75
CA ASP A 81 7.31 18.39 8.47
C ASP A 81 6.02 17.58 8.51
N LEU A 82 5.59 17.14 9.70
CA LEU A 82 4.31 16.43 9.77
C LEU A 82 3.16 17.32 9.37
N LYS A 83 3.31 18.64 9.47
CA LYS A 83 2.28 19.55 8.98
C LYS A 83 2.02 19.33 7.49
N VAL A 84 3.06 19.00 6.73
CA VAL A 84 2.86 18.69 5.32
C VAL A 84 2.03 17.43 5.17
N ILE A 85 2.36 16.39 5.93
CA ILE A 85 1.57 15.16 5.88
C ILE A 85 0.12 15.45 6.24
N ILE A 86 -0.10 16.20 7.33
CA ILE A 86 -1.46 16.50 7.75
C ILE A 86 -2.20 17.25 6.65
N ASP A 87 -1.53 18.24 6.04
CA ASP A 87 -2.19 19.00 4.98
C ASP A 87 -2.62 18.10 3.83
N HIS A 88 -1.69 17.26 3.35
CA HIS A 88 -1.99 16.42 2.20
C HIS A 88 -3.17 15.51 2.48
N PHE A 89 -3.13 14.79 3.61
CA PHE A 89 -4.22 13.84 3.87
C PHE A 89 -5.51 14.52 4.31
N GLU A 90 -5.48 15.81 4.66
CA GLU A 90 -6.74 16.51 4.88
C GLU A 90 -7.41 16.81 3.56
N LYS A 91 -6.62 17.14 2.53
CA LYS A 91 -7.19 17.46 1.23
C LYS A 91 -7.47 16.20 0.40
N TYR A 92 -6.67 15.16 0.57
CA TYR A 92 -6.77 13.92 -0.22
C TYR A 92 -6.79 12.73 0.74
N PRO A 93 -7.94 12.46 1.35
CA PRO A 93 -7.98 11.55 2.50
C PRO A 93 -7.83 10.09 2.10
N LEU A 94 -7.07 9.36 2.91
CA LEU A 94 -6.98 7.91 2.80
C LEU A 94 -8.38 7.30 2.88
N ILE A 95 -8.55 6.14 2.24
CA ILE A 95 -9.88 5.54 2.23
C ILE A 95 -9.91 4.12 2.78
N THR A 96 -8.75 3.51 3.07
CA THR A 96 -8.76 2.19 3.70
C THR A 96 -8.87 2.35 5.21
N GLN A 97 -8.90 1.23 5.94
CA GLN A 97 -8.90 1.33 7.40
C GLN A 97 -7.69 2.09 7.93
N LYS A 98 -6.68 2.34 7.09
CA LYS A 98 -5.53 3.13 7.51
C LYS A 98 -5.92 4.59 7.79
N TYR A 99 -7.04 5.05 7.25
CA TYR A 99 -7.54 6.38 7.60
C TYR A 99 -7.68 6.54 9.12
N ALA A 100 -8.14 5.49 9.80
CA ALA A 100 -8.25 5.55 11.25
C ALA A 100 -6.88 5.73 11.90
N ASP A 101 -5.87 5.00 11.42
CA ASP A 101 -4.51 5.22 11.91
C ASP A 101 -4.04 6.65 11.63
N TYR A 102 -4.50 7.24 10.53
CA TYR A 102 -4.14 8.62 10.25
C TYR A 102 -4.74 9.54 11.31
N MET A 103 -6.03 9.35 11.62
CA MET A 103 -6.69 10.18 12.61
C MET A 103 -6.02 10.05 13.98
N LEU A 104 -5.66 8.82 14.36
CA LEU A 104 -4.87 8.64 15.58
C LEU A 104 -3.57 9.43 15.52
N PHE A 105 -2.91 9.41 14.36
CA PHE A 105 -1.68 10.17 14.17
C PHE A 105 -1.93 11.67 14.34
N LYS A 106 -3.02 12.17 13.78
CA LYS A 106 -3.38 13.57 13.93
C LYS A 106 -3.59 13.95 15.39
N GLN A 107 -4.27 13.08 16.16
CA GLN A 107 -4.49 13.38 17.57
C GLN A 107 -3.18 13.41 18.34
N ALA A 108 -2.26 12.49 18.04
CA ALA A 108 -0.96 12.55 18.72
C ALA A 108 -0.23 13.83 18.35
N PHE A 109 -0.28 14.23 17.08
CA PHE A 109 0.38 15.46 16.68
C PHE A 109 -0.12 16.65 17.51
N ASN A 110 -1.43 16.70 17.79
CA ASN A 110 -1.97 17.80 18.58
C ASN A 110 -1.41 17.78 20.00
N VAL A 111 -1.39 16.61 20.63
CA VAL A 111 -0.76 16.46 21.94
C VAL A 111 0.62 17.09 21.92
N MET A 112 1.44 16.70 20.93
CA MET A 112 2.82 17.15 20.88
C MET A 112 2.92 18.59 20.40
N GLU A 113 2.00 19.01 19.53
CA GLU A 113 1.98 20.42 19.12
C GLU A 113 1.89 21.33 20.34
N ASN A 114 1.02 20.97 21.29
CA ASN A 114 0.92 21.68 22.55
C ASN A 114 2.02 21.31 23.52
N LYS A 115 3.02 20.55 23.08
CA LYS A 115 4.15 20.18 23.93
C LYS A 115 3.70 19.46 25.19
N GLU A 116 2.51 18.86 25.16
CA GLU A 116 2.05 18.07 26.29
C GLU A 116 2.89 16.81 26.49
N HIS A 117 3.56 16.34 25.44
CA HIS A 117 4.34 15.12 25.56
C HIS A 117 5.49 15.27 26.56
N LEU A 118 5.80 16.48 26.98
CA LEU A 118 6.82 16.70 27.99
C LEU A 118 6.26 16.62 29.40
N THR A 119 4.97 16.30 29.55
CA THR A 119 4.35 16.05 30.84
C THR A 119 3.88 14.60 30.89
N ILE A 120 3.86 14.04 32.11
CA ILE A 120 3.48 12.64 32.25
C ILE A 120 2.03 12.44 31.79
N GLU A 121 1.16 13.40 32.07
CA GLU A 121 -0.22 13.28 31.61
C GLU A 121 -0.28 13.27 30.09
N GLY A 122 0.62 14.00 29.43
CA GLY A 122 0.68 13.95 27.98
C GLY A 122 1.16 12.60 27.47
N ILE A 123 2.20 12.05 28.10
CA ILE A 123 2.68 10.72 27.74
C ILE A 123 1.56 9.70 27.88
N LYS A 124 0.74 9.84 28.92
CA LYS A 124 -0.38 8.93 29.11
C LYS A 124 -1.41 9.07 27.99
N GLU A 125 -1.64 10.30 27.52
CA GLU A 125 -2.57 10.50 26.42
C GLU A 125 -2.07 9.80 25.16
N LEU A 126 -0.79 9.97 24.83
CA LEU A 126 -0.23 9.32 23.66
C LEU A 126 -0.33 7.81 23.76
N VAL A 127 -0.14 7.27 24.97
CA VAL A 127 -0.31 5.83 25.19
C VAL A 127 -1.73 5.39 24.85
N ARG A 128 -2.73 6.16 25.31
CA ARG A 128 -4.11 5.83 24.96
C ARG A 128 -4.34 5.94 23.46
N ILE A 129 -3.79 6.97 22.83
CA ILE A 129 -3.87 7.08 21.38
C ILE A 129 -3.14 5.92 20.73
N LYS A 130 -1.95 5.58 21.24
CA LYS A 130 -1.18 4.49 20.64
C LYS A 130 -1.93 3.18 20.75
N ALA A 131 -2.66 2.96 21.86
CA ALA A 131 -3.27 1.68 22.11
C ALA A 131 -4.18 1.23 20.96
N LYS A 132 -4.69 2.17 20.18
CA LYS A 132 -5.58 1.86 19.07
C LYS A 132 -4.90 2.00 17.71
N LEU A 133 -3.59 2.22 17.70
CA LEU A 133 -2.85 2.52 16.48
C LEU A 133 -2.07 1.29 16.03
N ASN A 134 -2.36 0.81 14.81
CA ASN A 134 -1.58 -0.29 14.22
C ASN A 134 -1.68 -1.50 15.13
N TRP A 135 -0.56 -2.04 15.64
CA TRP A 135 -0.57 -3.22 16.50
C TRP A 135 -0.91 -2.89 17.95
N GLY A 136 -0.96 -1.61 18.31
CA GLY A 136 -1.27 -1.22 19.65
C GLY A 136 -0.06 -1.18 20.57
N LEU A 137 -0.31 -1.37 21.86
CA LEU A 137 0.74 -1.21 22.86
C LEU A 137 1.63 -2.44 22.93
N THR A 138 2.92 -2.20 23.16
CA THR A 138 3.85 -3.26 23.51
C THR A 138 3.50 -3.83 24.88
N ASP A 139 4.15 -4.95 25.23
CA ASP A 139 4.01 -5.45 26.58
C ASP A 139 4.58 -4.47 27.59
N GLU A 140 5.71 -3.84 27.26
CA GLU A 140 6.32 -2.86 28.16
C GLU A 140 5.34 -1.72 28.48
N LEU A 141 4.77 -1.11 27.44
CA LEU A 141 3.80 -0.04 27.67
C LEU A 141 2.55 -0.56 28.38
N LYS A 142 2.07 -1.75 27.98
CA LYS A 142 0.96 -2.37 28.68
C LYS A 142 1.25 -2.56 30.16
N LYS A 143 2.53 -2.76 30.52
CA LYS A 143 2.89 -2.96 31.91
C LYS A 143 3.05 -1.64 32.65
N ALA A 144 3.50 -0.59 31.97
CA ALA A 144 3.74 0.69 32.64
C ALA A 144 2.48 1.53 32.75
N PHE A 145 1.51 1.34 31.85
CA PHE A 145 0.27 2.12 31.84
C PHE A 145 -0.92 1.17 31.71
N PRO A 146 -1.15 0.32 32.71
CA PRO A 146 -2.28 -0.61 32.64
C PRO A 146 -3.59 0.14 32.66
N GLU A 147 -4.50 -0.24 31.77
CA GLU A 147 -5.77 0.46 31.67
C GLU A 147 -6.60 -0.22 30.61
N ILE A 148 -7.91 -0.02 30.70
CA ILE A 148 -8.85 -0.57 29.73
C ILE A 148 -9.05 0.46 28.63
N ILE A 149 -8.74 0.06 27.40
CA ILE A 149 -9.04 0.87 26.22
C ILE A 149 -10.54 0.72 25.94
N SER A 150 -11.30 1.80 26.16
CA SER A 150 -12.75 1.76 25.97
C SER A 150 -13.15 2.09 24.54
N LYS A 151 -12.61 3.18 23.99
CA LYS A 151 -12.97 3.60 22.64
C LYS A 151 -12.49 2.56 21.63
N GLU A 152 -13.43 1.84 21.04
CA GLU A 152 -13.09 0.91 19.97
C GLU A 152 -12.61 1.68 18.73
N ARG A 153 -12.02 0.95 17.80
CA ARG A 153 -11.50 1.56 16.59
C ARG A 153 -12.64 2.04 15.70
N SER A 154 -12.45 3.20 15.08
CA SER A 154 -13.42 3.71 14.13
C SER A 154 -13.36 2.91 12.83
N LEU A 155 -14.52 2.43 12.37
CA LEU A 155 -14.59 1.62 11.15
C LEU A 155 -14.74 2.56 9.96
N ILE A 156 -13.71 2.63 9.12
CA ILE A 156 -13.75 3.48 7.95
C ILE A 156 -14.63 2.85 6.88
N ASN A 157 -15.48 3.67 6.26
CA ASN A 157 -16.33 3.23 5.16
C ASN A 157 -16.42 4.38 4.15
N LYS A 158 -15.52 4.35 3.16
CA LYS A 158 -15.43 5.36 2.11
C LYS A 158 -15.29 4.66 0.77
N ASN A 159 -15.84 5.29 -0.26
CA ASN A 159 -15.74 4.70 -1.59
C ASN A 159 -14.44 5.09 -2.27
N ILE A 160 -14.05 4.29 -3.26
CA ILE A 160 -12.95 4.67 -4.12
C ILE A 160 -13.25 6.08 -4.58
N PRO A 161 -12.44 7.07 -4.20
CA PRO A 161 -12.80 8.45 -4.52
C PRO A 161 -12.66 8.78 -6.00
N ASN A 162 -11.71 8.18 -6.72
CA ASN A 162 -11.55 8.45 -8.14
C ASN A 162 -10.52 7.49 -8.72
N PHE A 163 -10.39 7.53 -10.04
CA PHE A 163 -9.57 6.56 -10.75
C PHE A 163 -8.08 6.71 -10.46
N LYS A 164 -7.63 7.90 -10.09
CA LYS A 164 -6.22 8.07 -9.81
C LYS A 164 -5.83 7.43 -8.48
N TRP A 165 -6.68 7.58 -7.46
CA TRP A 165 -6.47 6.82 -6.22
C TRP A 165 -6.23 5.35 -6.52
N LEU A 166 -7.02 4.78 -7.43
CA LEU A 166 -6.91 3.36 -7.70
C LEU A 166 -5.63 3.02 -8.46
N ALA A 167 -5.14 3.94 -9.29
CA ALA A 167 -3.85 3.70 -9.94
C ALA A 167 -2.72 3.66 -8.91
N GLY A 168 -2.70 4.63 -8.01
CA GLY A 168 -1.69 4.62 -6.96
C GLY A 168 -1.81 3.41 -6.04
N PHE A 169 -3.05 3.01 -5.74
CA PHE A 169 -3.28 1.84 -4.90
C PHE A 169 -2.76 0.57 -5.56
N THR A 170 -3.03 0.42 -6.86
CA THR A 170 -2.57 -0.79 -7.56
C THR A 170 -1.05 -0.82 -7.65
N SER A 171 -0.41 0.33 -7.81
CA SER A 171 1.05 0.38 -7.82
C SER A 171 1.63 -0.17 -6.52
N GLY A 172 0.86 -0.17 -5.43
CA GLY A 172 1.36 -0.70 -4.19
C GLY A 172 1.07 -2.18 -4.02
N ASP A 173 -0.21 -2.55 -4.06
CA ASP A 173 -0.66 -3.88 -3.69
C ASP A 173 -1.22 -4.67 -4.86
N GLY A 174 -1.11 -4.15 -6.08
CA GLY A 174 -1.57 -4.87 -7.26
C GLY A 174 -0.50 -5.83 -7.81
N CYS A 175 -0.93 -6.68 -8.75
CA CYS A 175 -0.01 -7.62 -9.38
C CYS A 175 -0.48 -7.93 -10.79
N PHE A 176 0.45 -7.85 -11.74
CA PHE A 176 0.22 -8.23 -13.14
C PHE A 176 1.05 -9.47 -13.45
N PHE A 177 0.39 -10.57 -13.80
CA PHE A 177 1.04 -11.87 -13.78
C PHE A 177 0.71 -12.67 -15.03
N VAL A 178 1.70 -13.41 -15.52
CA VAL A 178 1.57 -14.28 -16.69
C VAL A 178 1.63 -15.72 -16.20
N ASN A 179 0.47 -16.38 -16.16
CA ASN A 179 0.37 -17.74 -15.66
C ASN A 179 0.59 -18.73 -16.80
N LEU A 180 1.39 -19.76 -16.53
CA LEU A 180 1.73 -20.78 -17.53
C LEU A 180 1.12 -22.08 -17.03
N ILE A 181 -0.05 -22.42 -17.55
CA ILE A 181 -0.82 -23.58 -17.11
C ILE A 181 -0.36 -24.77 -17.95
N LYS A 182 0.40 -25.67 -17.33
CA LYS A 182 1.02 -26.78 -18.04
C LYS A 182 0.03 -27.95 -18.13
N SER A 183 -0.32 -28.32 -19.37
CA SER A 183 -1.15 -29.49 -19.60
C SER A 183 -0.39 -30.51 -20.46
N LYS A 184 -1.13 -31.31 -21.23
CA LYS A 184 -0.53 -32.26 -22.16
C LYS A 184 -0.96 -31.98 -23.60
N SER A 185 -1.50 -30.79 -23.88
CA SER A 185 -1.92 -30.43 -25.23
C SER A 185 -0.74 -30.47 -26.19
N LYS A 186 -0.98 -30.18 -27.46
CA LYS A 186 0.12 -30.14 -28.43
C LYS A 186 1.23 -29.23 -27.94
N LEU A 187 0.88 -28.03 -27.50
CA LEU A 187 1.86 -27.11 -26.92
C LEU A 187 2.05 -27.32 -25.42
N GLY A 188 1.06 -27.89 -24.73
CA GLY A 188 1.22 -28.20 -23.32
C GLY A 188 1.37 -27.02 -22.39
N VAL A 189 1.06 -25.81 -22.84
CA VAL A 189 1.12 -24.62 -21.99
C VAL A 189 -0.03 -23.70 -22.38
N GLN A 190 -0.95 -23.46 -21.45
CA GLN A 190 -1.96 -22.44 -21.62
C GLN A 190 -1.47 -21.16 -20.97
N VAL A 191 -1.42 -20.09 -21.74
CA VAL A 191 -1.00 -18.79 -21.23
C VAL A 191 -2.22 -18.05 -20.72
N GLN A 192 -2.21 -17.67 -19.45
CA GLN A 192 -3.33 -16.98 -18.82
C GLN A 192 -2.85 -15.71 -18.14
N LEU A 193 -3.32 -14.58 -18.62
CA LEU A 193 -3.07 -13.32 -17.95
C LEU A 193 -3.91 -13.21 -16.68
N VAL A 194 -3.27 -12.77 -15.60
CA VAL A 194 -3.93 -12.62 -14.31
C VAL A 194 -3.66 -11.22 -13.81
N PHE A 195 -4.72 -10.51 -13.44
CA PHE A 195 -4.60 -9.26 -12.71
C PHE A 195 -5.17 -9.45 -11.32
N SER A 196 -4.52 -8.89 -10.31
CA SER A 196 -5.04 -9.08 -8.96
C SER A 196 -4.61 -7.94 -8.07
N ILE A 197 -5.37 -7.76 -7.00
CA ILE A 197 -5.04 -6.84 -5.91
C ILE A 197 -5.28 -7.56 -4.60
N SER A 198 -4.30 -7.50 -3.71
CA SER A 198 -4.33 -8.20 -2.42
C SER A 198 -4.60 -7.21 -1.30
N GLN A 199 -5.33 -7.65 -0.27
CA GLN A 199 -5.60 -6.73 0.83
C GLN A 199 -6.08 -7.50 2.06
N HIS A 200 -5.76 -6.97 3.22
CA HIS A 200 -6.23 -7.53 4.49
C HIS A 200 -7.77 -7.60 4.52
N ILE A 201 -8.29 -8.64 5.18
CA ILE A 201 -9.74 -8.83 5.23
C ILE A 201 -10.48 -7.63 5.80
N ARG A 202 -9.79 -6.80 6.59
CA ARG A 202 -10.47 -5.65 7.19
C ARG A 202 -11.07 -4.70 6.15
N ASP A 203 -10.65 -4.77 4.90
CA ASP A 203 -11.16 -3.89 3.85
C ASP A 203 -11.89 -4.68 2.77
N LYS A 204 -12.57 -5.74 3.17
CA LYS A 204 -13.31 -6.58 2.23
C LYS A 204 -14.35 -5.78 1.47
N ASN A 205 -14.98 -4.81 2.13
CA ASN A 205 -15.98 -3.98 1.45
C ASN A 205 -15.35 -3.21 0.30
N LEU A 206 -14.18 -2.61 0.54
CA LEU A 206 -13.50 -1.89 -0.54
C LEU A 206 -13.13 -2.82 -1.68
N MET A 207 -12.50 -3.95 -1.35
CA MET A 207 -12.09 -4.89 -2.40
C MET A 207 -13.32 -5.38 -3.16
N ASN A 208 -14.36 -5.80 -2.43
CA ASN A 208 -15.62 -6.20 -3.04
C ASN A 208 -16.11 -5.17 -4.05
N SER A 209 -16.03 -3.89 -3.69
CA SER A 209 -16.56 -2.86 -4.58
C SER A 209 -15.82 -2.80 -5.90
N LEU A 210 -14.57 -3.27 -5.96
CA LEU A 210 -13.82 -3.25 -7.21
C LEU A 210 -14.54 -3.99 -8.33
N ILE A 211 -15.38 -4.97 -7.98
CA ILE A 211 -16.15 -5.68 -9.00
C ILE A 211 -17.07 -4.70 -9.72
N THR A 212 -17.81 -3.91 -8.96
CA THR A 212 -18.68 -2.91 -9.55
C THR A 212 -17.87 -1.79 -10.18
N TYR A 213 -16.76 -1.41 -9.54
CA TYR A 213 -15.99 -0.27 -10.01
C TYR A 213 -15.33 -0.54 -11.36
N LEU A 214 -14.72 -1.71 -11.54
CA LEU A 214 -14.08 -2.07 -12.80
C LEU A 214 -14.98 -2.91 -13.71
N GLY A 215 -16.17 -3.29 -13.24
CA GLY A 215 -17.08 -4.07 -14.08
C GLY A 215 -16.55 -5.40 -14.52
N CYS A 216 -15.78 -6.07 -13.67
CA CYS A 216 -15.25 -7.40 -13.98
C CYS A 216 -14.62 -7.96 -12.70
N GLY A 217 -14.15 -9.21 -12.79
CA GLY A 217 -13.37 -9.79 -11.72
C GLY A 217 -14.18 -10.42 -10.62
N TYR A 218 -13.47 -10.91 -9.59
CA TYR A 218 -14.08 -11.65 -8.51
C TYR A 218 -13.10 -11.71 -7.33
N ILE A 219 -13.61 -12.17 -6.19
CA ILE A 219 -12.91 -12.11 -4.93
C ILE A 219 -12.54 -13.52 -4.50
N LYS A 220 -11.26 -13.72 -4.18
CA LYS A 220 -10.80 -14.92 -3.50
C LYS A 220 -10.52 -14.57 -2.06
N LYS A 221 -11.14 -15.29 -1.14
CA LYS A 221 -10.83 -15.14 0.28
C LYS A 221 -9.74 -16.15 0.63
N LYS A 222 -8.75 -15.70 1.38
CA LYS A 222 -7.65 -16.57 1.78
C LYS A 222 -7.46 -16.46 3.29
N ASN A 223 -7.00 -17.56 3.89
CA ASN A 223 -6.76 -17.61 5.32
C ASN A 223 -5.51 -18.44 5.57
N LYS A 224 -4.85 -18.13 6.69
CA LYS A 224 -3.72 -18.93 7.16
C LYS A 224 -3.62 -18.68 8.65
N SER A 225 -3.95 -19.68 9.46
CA SER A 225 -3.94 -19.55 10.92
C SER A 225 -4.84 -18.37 11.27
N GLU A 226 -4.42 -17.44 12.13
CA GLU A 226 -5.28 -16.35 12.56
C GLU A 226 -5.38 -15.22 11.54
N PHE A 227 -4.77 -15.35 10.37
CA PHE A 227 -4.72 -14.25 9.42
C PHE A 227 -5.66 -14.50 8.25
N SER A 228 -6.20 -13.41 7.73
CA SER A 228 -7.14 -13.49 6.61
C SER A 228 -6.87 -12.36 5.65
N TRP A 229 -6.86 -12.65 4.36
CA TRP A 229 -6.70 -11.60 3.37
C TRP A 229 -7.56 -11.93 2.17
N LEU A 230 -7.58 -10.99 1.22
CA LEU A 230 -8.54 -10.98 0.12
C LEU A 230 -7.82 -10.58 -1.15
N GLU A 231 -8.23 -11.19 -2.26
CA GLU A 231 -7.69 -10.85 -3.57
C GLU A 231 -8.84 -10.48 -4.50
N PHE A 232 -8.77 -9.31 -5.09
CA PHE A 232 -9.56 -9.02 -6.28
C PHE A 232 -8.79 -9.54 -7.48
N VAL A 233 -9.46 -10.36 -8.29
CA VAL A 233 -8.82 -11.11 -9.36
C VAL A 233 -9.59 -10.90 -10.65
N VAL A 234 -8.87 -10.74 -11.76
CA VAL A 234 -9.44 -10.78 -13.09
C VAL A 234 -8.64 -11.77 -13.92
N THR A 235 -9.31 -12.81 -14.42
CA THR A 235 -8.69 -13.78 -15.31
C THR A 235 -9.34 -13.86 -16.69
N LYS A 236 -10.41 -13.10 -16.95
CA LYS A 236 -11.12 -13.16 -18.22
C LYS A 236 -10.43 -12.25 -19.23
N PHE A 237 -9.97 -12.82 -20.34
CA PHE A 237 -9.14 -12.03 -21.25
C PHE A 237 -9.90 -10.82 -21.79
N SER A 238 -11.15 -11.01 -22.20
CA SER A 238 -11.89 -9.89 -22.77
C SER A 238 -12.00 -8.74 -21.76
N ASP A 239 -12.10 -9.07 -20.47
CA ASP A 239 -12.11 -8.01 -19.47
C ASP A 239 -10.74 -7.39 -19.29
N ILE A 240 -9.66 -8.19 -19.45
CA ILE A 240 -8.32 -7.60 -19.44
C ILE A 240 -8.16 -6.63 -20.60
N ARG A 241 -8.52 -7.07 -21.80
CA ARG A 241 -8.38 -6.25 -22.99
C ARG A 241 -9.25 -5.00 -22.94
N ASP A 242 -10.51 -5.14 -22.54
CA ASP A 242 -11.47 -4.06 -22.69
C ASP A 242 -11.62 -3.19 -21.45
N LYS A 243 -11.16 -3.64 -20.28
CA LYS A 243 -11.37 -2.84 -19.08
C LYS A 243 -10.09 -2.59 -18.30
N ILE A 244 -9.37 -3.66 -17.95
CA ILE A 244 -8.19 -3.53 -17.11
C ILE A 244 -7.10 -2.74 -17.82
N ILE A 245 -6.78 -3.13 -19.05
CA ILE A 245 -5.65 -2.52 -19.75
C ILE A 245 -5.95 -1.06 -20.06
N PRO A 246 -7.06 -0.74 -20.72
CA PRO A 246 -7.39 0.67 -20.94
C PRO A 246 -7.36 1.51 -19.67
N PHE A 247 -7.77 0.93 -18.54
CA PHE A 247 -7.79 1.70 -17.29
C PHE A 247 -6.39 2.20 -16.94
N PHE A 248 -5.40 1.30 -16.92
CA PHE A 248 -4.06 1.72 -16.53
C PHE A 248 -3.28 2.36 -17.67
N GLN A 249 -3.75 2.22 -18.92
CA GLN A 249 -3.16 3.02 -19.98
C GLN A 249 -3.46 4.51 -19.79
N GLU A 250 -4.63 4.84 -19.25
CA GLU A 250 -4.95 6.23 -18.98
C GLU A 250 -4.49 6.70 -17.61
N TYR A 251 -4.71 5.89 -16.58
CA TYR A 251 -4.35 6.26 -15.20
C TYR A 251 -3.06 5.52 -14.84
N THR A 252 -1.95 6.23 -14.98
CA THR A 252 -0.64 5.60 -15.07
C THR A 252 -0.20 5.00 -13.73
N LEU A 253 0.38 3.81 -13.80
CA LEU A 253 1.05 3.22 -12.67
C LEU A 253 2.39 3.92 -12.43
N ILE A 254 2.86 3.85 -11.18
CA ILE A 254 4.16 4.39 -10.79
C ILE A 254 5.05 3.26 -10.30
N GLY A 255 6.35 3.54 -10.26
CA GLY A 255 7.33 2.54 -9.84
C GLY A 255 7.52 1.44 -10.87
N THR A 256 8.34 0.45 -10.49
CA THR A 256 8.72 -0.61 -11.42
C THR A 256 7.52 -1.44 -11.88
N LYS A 257 6.46 -1.51 -11.08
CA LYS A 257 5.26 -2.23 -11.52
C LYS A 257 4.72 -1.66 -12.82
N LEU A 258 5.04 -0.40 -13.13
CA LEU A 258 4.71 0.13 -14.45
C LEU A 258 5.31 -0.73 -15.54
N LYS A 259 6.58 -1.09 -15.40
CA LYS A 259 7.24 -1.92 -16.41
C LYS A 259 6.65 -3.31 -16.48
N ASP A 260 6.27 -3.87 -15.33
CA ASP A 260 5.53 -5.13 -15.32
C ASP A 260 4.24 -5.00 -16.12
N PHE A 261 3.49 -3.92 -15.90
CA PHE A 261 2.25 -3.72 -16.67
C PHE A 261 2.55 -3.64 -18.16
N GLU A 262 3.58 -2.90 -18.54
CA GLU A 262 3.94 -2.81 -19.95
C GLU A 262 4.26 -4.20 -20.52
N ASP A 263 5.08 -4.97 -19.82
CA ASP A 263 5.37 -6.32 -20.29
C ASP A 263 4.11 -7.17 -20.33
N TRP A 264 3.29 -7.10 -19.28
CA TRP A 264 1.97 -7.73 -19.30
C TRP A 264 1.24 -7.41 -20.59
N CYS A 265 1.24 -6.14 -20.99
CA CYS A 265 0.49 -5.76 -22.18
C CYS A 265 1.07 -6.39 -23.43
N LYS A 266 2.41 -6.41 -23.54
CA LYS A 266 3.04 -7.04 -24.70
C LYS A 266 2.58 -8.48 -24.85
N VAL A 267 2.51 -9.22 -23.73
CA VAL A 267 1.96 -10.56 -23.77
C VAL A 267 0.51 -10.51 -24.25
N ALA A 268 -0.27 -9.56 -23.73
CA ALA A 268 -1.69 -9.52 -24.06
C ALA A 268 -1.91 -9.34 -25.56
N LYS A 269 -1.14 -8.43 -26.19
CA LYS A 269 -1.19 -8.30 -27.64
C LYS A 269 -0.88 -9.63 -28.33
N LEU A 270 0.10 -10.37 -27.81
CA LEU A 270 0.45 -11.65 -28.41
C LEU A 270 -0.70 -12.64 -28.30
N ILE A 271 -1.39 -12.65 -27.16
CA ILE A 271 -2.56 -13.53 -27.02
C ILE A 271 -3.69 -13.08 -27.95
N GLU A 272 -3.89 -11.77 -28.06
CA GLU A 272 -4.94 -11.29 -28.96
C GLU A 272 -4.67 -11.69 -30.40
N GLU A 273 -3.40 -11.81 -30.78
CA GLU A 273 -3.03 -12.27 -32.11
C GLU A 273 -2.95 -13.79 -32.20
N LYS A 274 -3.38 -14.49 -31.15
CA LYS A 274 -3.32 -15.94 -31.07
C LYS A 274 -1.89 -16.47 -31.19
N LYS A 275 -0.89 -15.61 -31.06
CA LYS A 275 0.50 -16.08 -31.09
C LYS A 275 0.84 -16.93 -29.87
N HIS A 276 0.10 -16.79 -28.77
CA HIS A 276 0.32 -17.68 -27.63
C HIS A 276 0.06 -19.14 -27.97
N LEU A 277 -0.60 -19.39 -29.09
CA LEU A 277 -0.90 -20.76 -29.52
C LEU A 277 0.16 -21.35 -30.42
N THR A 278 1.12 -20.56 -30.88
CA THR A 278 2.23 -21.08 -31.64
C THR A 278 3.41 -21.37 -30.72
N GLU A 279 4.41 -22.06 -31.26
CA GLU A 279 5.59 -22.33 -30.47
C GLU A 279 6.48 -21.09 -30.36
N GLU A 280 6.56 -20.30 -31.43
CA GLU A 280 7.45 -19.15 -31.46
C GLU A 280 6.93 -18.04 -30.56
N GLY A 281 5.61 -17.82 -30.53
CA GLY A 281 5.06 -16.84 -29.61
C GLY A 281 5.20 -17.28 -28.16
N LEU A 282 4.93 -18.55 -27.90
CA LEU A 282 5.08 -19.08 -26.55
C LEU A 282 6.46 -18.77 -25.98
N ASP A 283 7.51 -19.11 -26.75
CA ASP A 283 8.86 -18.83 -26.27
C ASP A 283 9.08 -17.34 -26.09
N GLU A 284 8.48 -16.52 -26.95
CA GLU A 284 8.54 -15.08 -26.73
C GLU A 284 7.88 -14.72 -25.41
N ILE A 285 6.68 -15.26 -25.16
CA ILE A 285 6.00 -15.00 -23.90
C ILE A 285 6.85 -15.47 -22.72
N LYS A 286 7.39 -16.70 -22.82
CA LYS A 286 8.28 -17.20 -21.77
C LYS A 286 9.38 -16.20 -21.44
N LYS A 287 10.06 -15.69 -22.48
CA LYS A 287 11.17 -14.79 -22.21
C LYS A 287 10.69 -13.51 -21.53
N ILE A 288 9.56 -12.96 -22.00
CA ILE A 288 9.01 -11.76 -21.39
C ILE A 288 8.68 -12.00 -19.92
N LYS A 289 8.00 -13.11 -19.64
CA LYS A 289 7.69 -13.44 -18.26
C LYS A 289 8.94 -13.45 -17.38
N LEU A 290 10.03 -14.04 -17.89
CA LEU A 290 11.28 -14.16 -17.13
C LEU A 290 11.75 -12.83 -16.56
N ASN A 291 11.54 -11.73 -17.25
CA ASN A 291 12.03 -10.44 -16.79
C ASN A 291 11.03 -9.71 -15.88
N MET A 292 9.89 -10.32 -15.55
CA MET A 292 8.82 -9.62 -14.86
C MET A 292 8.87 -9.82 -13.35
N ASN A 293 8.30 -8.86 -12.62
CA ASN A 293 7.99 -8.96 -11.18
C ASN A 293 9.28 -9.25 -10.41
N LYS A 294 9.36 -10.34 -9.65
CA LYS A 294 10.53 -10.60 -8.82
C LYS A 294 11.80 -10.55 -9.65
N GLY A 295 12.80 -9.86 -9.13
CA GLY A 295 14.03 -9.64 -9.86
C GLY A 295 13.99 -8.40 -10.74
N ARG A 296 13.41 -8.54 -11.94
CA ARG A 296 13.50 -7.51 -12.98
C ARG A 296 14.87 -6.82 -12.98
CA CA D . -0.67 -2.45 1.53
CA CA E . 4.23 -3.17 -2.97
CA CA F . 4.92 -18.63 -12.66
C1 EDO G . 19.88 7.27 -0.89
O1 EDO G . 19.56 8.61 -0.45
C2 EDO G . 19.89 6.31 0.30
O2 EDO G . 19.68 4.97 -0.15
H11 EDO G . 19.15 6.94 -1.63
H12 EDO G . 20.86 7.27 -1.36
HO1 EDO G . 19.28 9.13 -1.22
H21 EDO G . 20.84 6.38 0.84
H22 EDO G . 19.09 6.60 1.01
HO2 EDO G . 19.63 4.38 0.60
CA CA H . 5.84 -1.72 1.70
#